data_4YRF
#
_entry.id   4YRF
#
_cell.length_a   64.433
_cell.length_b   118.814
_cell.length_c   65.975
_cell.angle_alpha   90.000
_cell.angle_beta   92.390
_cell.angle_gamma   90.000
#
_symmetry.space_group_name_H-M   'I 1 2 1'
#
loop_
_entity.id
_entity.type
_entity.pdbx_description
1 polymer 'Histidyl-tRNA synthetase, putative'
2 non-polymer HISTIDINE
3 non-polymer 5-bromopyridin-2(1H)-one
4 non-polymer 'SULFATE ION'
5 non-polymer 'DIMETHYL SULFOXIDE'
6 non-polymer 1,2-ETHANEDIOL
7 water water
#
_entity_poly.entity_id   1
_entity_poly.type   'polypeptide(L)'
_entity_poly.pdbx_seq_one_letter_code
;MAHHHHHHMGTLEAQTQGPGSMQKNMVETEPVQGCRDFPPEAMRCRRHLFDVFHATAKTFGFEEYDAPVLESEELYIRKA
GEEITEQMFNFITKGGHRVALRPEMTPSLARLLLGKGRSLLLPAKWYSIPQCWRYEAITRGRRREHYQWNMDIVGVKSVS
AEVELVCAACWAMRSLGLSSKDVGIKVNSRKVLQTVVEQAGVTSDKFAPVCVIVDKMEKIPREEVEAQLAVLGLEPTVVD
AITTTLSLKSIDEIAQRVGEEHEAVKELRQFFEQVEAYGYGDWVLFDASVVRGLAYYTGIVFEGFDREGKFRALCGGGRY
DNLLTTYGSPTPIPCAGFGFGDCVIVELLQEKRLLPDIPHVVDDVVIPFDESMRPHALAVLRRLRDAGRSADIILDKKKV
VQAFNYADRVGAVRAVLVAPEEWERGEVQVKMLREGTGKEEGGAERGFAVPLDRLV
;
_entity_poly.pdbx_strand_id   A
#
loop_
_chem_comp.id
_chem_comp.type
_chem_comp.name
_chem_comp.formula
4HS non-polymer 5-bromopyridin-2(1H)-one 'C5 H4 Br N O'
DMS non-polymer 'DIMETHYL SULFOXIDE' 'C2 H6 O S'
EDO non-polymer 1,2-ETHANEDIOL 'C2 H6 O2'
SO4 non-polymer 'SULFATE ION' 'O4 S -2'
#
# COMPACT_ATOMS: atom_id res chain seq x y z
N MET A 26 -12.83 -30.20 19.20
CA MET A 26 -12.50 -29.55 17.89
C MET A 26 -12.48 -28.03 17.99
N VAL A 27 -11.28 -27.46 17.94
CA VAL A 27 -11.08 -26.02 18.03
C VAL A 27 -11.65 -25.29 16.80
N GLU A 28 -11.89 -23.99 16.91
CA GLU A 28 -12.40 -23.21 15.79
C GLU A 28 -11.28 -22.94 14.79
N THR A 29 -11.43 -23.49 13.57
CA THR A 29 -10.42 -23.38 12.52
C THR A 29 -10.50 -22.07 11.74
N GLU A 30 -11.67 -21.43 11.74
CA GLU A 30 -11.82 -20.14 11.08
C GLU A 30 -11.19 -19.05 11.93
N PRO A 31 -10.63 -18.01 11.28
CA PRO A 31 -10.05 -16.91 12.06
C PRO A 31 -11.11 -16.02 12.72
N VAL A 32 -10.65 -15.19 13.65
CA VAL A 32 -11.45 -14.14 14.27
C VAL A 32 -12.19 -13.31 13.22
N GLN A 33 -13.35 -12.80 13.61
CA GLN A 33 -14.27 -12.08 12.73
C GLN A 33 -13.65 -10.93 11.93
N GLY A 34 -13.82 -10.98 10.62
CA GLY A 34 -13.30 -9.94 9.72
C GLY A 34 -11.81 -9.96 9.43
N CYS A 35 -11.13 -11.06 9.78
CA CYS A 35 -9.69 -11.16 9.58
C CYS A 35 -9.32 -12.31 8.66
N ARG A 36 -8.15 -12.18 8.02
CA ARG A 36 -7.69 -13.13 7.01
C ARG A 36 -6.50 -13.98 7.48
N ASP A 37 -6.59 -15.27 7.17
CA ASP A 37 -5.49 -16.21 7.23
C ASP A 37 -4.69 -16.14 5.94
N PHE A 38 -3.38 -16.30 6.05
CA PHE A 38 -2.50 -16.31 4.88
C PHE A 38 -1.67 -17.58 4.83
N PRO A 39 -2.28 -18.71 4.45
CA PRO A 39 -1.47 -19.90 4.20
C PRO A 39 -0.55 -19.64 3.01
N PRO A 40 0.45 -20.52 2.77
CA PRO A 40 1.47 -20.24 1.75
C PRO A 40 0.94 -19.77 0.39
N GLU A 41 -0.07 -20.46 -0.15
CA GLU A 41 -0.71 -20.05 -1.42
C GLU A 41 -1.07 -18.57 -1.39
N ALA A 42 -1.89 -18.18 -0.42
CA ALA A 42 -2.33 -16.79 -0.28
C ALA A 42 -1.16 -15.86 0.03
N MET A 43 -0.23 -16.33 0.88
CA MET A 43 0.92 -15.51 1.23
C MET A 43 1.79 -15.15 0.03
N ARG A 44 1.91 -16.06 -0.94
CA ARG A 44 2.66 -15.76 -2.16
C ARG A 44 2.03 -14.58 -2.93
N CYS A 45 0.70 -14.53 -2.92
CA CYS A 45 -0.03 -13.43 -3.56
C CYS A 45 0.26 -12.10 -2.86
N ARG A 46 0.14 -12.09 -1.54
CA ARG A 46 0.44 -10.89 -0.76
C ARG A 46 1.90 -10.43 -0.92
N ARG A 47 2.80 -11.38 -0.99
CA ARG A 47 4.22 -11.09 -1.08
C ARG A 47 4.57 -10.54 -2.50
N HIS A 48 3.88 -11.06 -3.50
CA HIS A 48 3.94 -10.50 -4.84
C HIS A 48 3.56 -9.01 -4.87
N LEU A 49 2.56 -8.64 -4.07
CA LEU A 49 2.11 -7.26 -3.99
C LEU A 49 3.07 -6.42 -3.14
N PHE A 50 3.47 -6.95 -1.99
CA PHE A 50 4.38 -6.23 -1.13
C PHE A 50 5.76 -6.04 -1.79
N ASP A 51 6.23 -7.04 -2.53
CA ASP A 51 7.50 -6.87 -3.24
C ASP A 51 7.42 -5.61 -4.08
N VAL A 52 6.30 -5.41 -4.77
CA VAL A 52 6.15 -4.23 -5.61
C VAL A 52 6.15 -2.93 -4.80
N PHE A 53 5.42 -2.90 -3.68
CA PHE A 53 5.40 -1.75 -2.82
C PHE A 53 6.82 -1.39 -2.34
N HIS A 54 7.54 -2.40 -1.86
CA HIS A 54 8.94 -2.21 -1.46
C HIS A 54 9.82 -1.76 -2.64
N ALA A 55 9.68 -2.45 -3.76
CA ALA A 55 10.54 -2.20 -4.92
C ALA A 55 10.33 -0.77 -5.43
N THR A 56 9.06 -0.32 -5.41
CA THR A 56 8.69 1.01 -5.87
C THR A 56 9.21 2.09 -4.92
N ALA A 57 9.04 1.86 -3.61
CA ALA A 57 9.64 2.74 -2.61
C ALA A 57 11.16 2.86 -2.77
N LYS A 58 11.83 1.74 -2.99
CA LYS A 58 13.28 1.78 -3.21
C LYS A 58 13.61 2.58 -4.48
N THR A 59 12.91 2.27 -5.56
CA THR A 59 13.07 3.01 -6.81
C THR A 59 12.93 4.52 -6.63
N PHE A 60 12.01 4.92 -5.75
CA PHE A 60 11.72 6.33 -5.55
C PHE A 60 12.48 6.96 -4.38
N GLY A 61 13.38 6.21 -3.75
CA GLY A 61 14.19 6.72 -2.65
C GLY A 61 13.47 6.91 -1.31
N PHE A 62 12.43 6.13 -1.04
CA PHE A 62 11.72 6.24 0.24
C PHE A 62 12.36 5.30 1.29
N GLU A 63 12.34 5.71 2.55
CA GLU A 63 12.94 4.95 3.65
C GLU A 63 11.86 4.31 4.50
N GLU A 64 12.03 3.04 4.79
CA GLU A 64 11.04 2.30 5.54
C GLU A 64 11.02 2.69 7.03
N TYR A 65 9.82 2.66 7.62
CA TYR A 65 9.64 2.89 9.07
C TYR A 65 8.50 2.03 9.55
N ASP A 66 8.33 1.96 10.88
CA ASP A 66 7.22 1.24 11.49
C ASP A 66 6.88 1.82 12.86
N ALA A 67 5.71 1.48 13.38
CA ALA A 67 5.30 1.93 14.70
C ALA A 67 4.24 0.99 15.25
N PRO A 68 3.97 1.08 16.57
CA PRO A 68 3.10 0.07 17.09
C PRO A 68 1.75 0.13 16.40
N VAL A 69 1.16 -1.04 16.22
CA VAL A 69 -0.20 -1.15 15.74
C VAL A 69 -1.15 -0.64 16.86
N LEU A 70 -0.66 -0.66 18.10
CA LEU A 70 -1.42 -0.20 19.26
C LEU A 70 -0.99 1.22 19.60
N GLU A 71 -1.88 2.18 19.36
CA GLU A 71 -1.62 3.58 19.62
C GLU A 71 -2.68 4.08 20.59
N SER A 72 -2.41 5.20 21.23
CA SER A 72 -3.37 5.84 22.12
C SER A 72 -4.55 6.38 21.27
N GLU A 73 -5.75 6.31 21.84
CA GLU A 73 -7.00 6.69 21.17
C GLU A 73 -7.07 8.20 20.88
N GLU A 74 -6.53 8.99 21.81
CA GLU A 74 -6.32 10.44 21.64
C GLU A 74 -5.76 10.82 20.25
N LEU A 75 -4.92 9.97 19.70
CA LEU A 75 -4.27 10.26 18.43
C LEU A 75 -5.25 10.51 17.27
N TYR A 76 -6.44 9.91 17.34
CA TYR A 76 -7.46 9.98 16.28
C TYR A 76 -8.78 10.71 16.64
N ILE A 77 -8.80 11.53 17.71
CA ILE A 77 -10.00 12.33 18.05
C ILE A 77 -9.99 13.66 17.27
N ARG A 78 -10.33 13.62 15.98
CA ARG A 78 -10.29 14.83 15.11
C ARG A 78 -11.64 15.56 14.97
N LYS A 79 -12.66 15.10 15.72
CA LYS A 79 -13.99 15.74 15.77
C LYS A 79 -14.48 16.35 14.45
N ALA A 80 -14.65 15.50 13.44
CA ALA A 80 -15.15 15.96 12.14
C ALA A 80 -16.03 14.94 11.42
N GLY A 81 -16.54 13.96 12.14
CA GLY A 81 -17.42 12.93 11.57
C GLY A 81 -16.75 12.03 10.54
N GLU A 82 -15.44 11.84 10.63
CA GLU A 82 -14.73 10.94 9.70
C GLU A 82 -15.19 9.52 9.92
N GLU A 83 -15.36 8.78 8.83
CA GLU A 83 -15.77 7.39 8.88
C GLU A 83 -14.65 6.54 9.47
N ILE A 84 -13.42 6.96 9.23
CA ILE A 84 -12.23 6.24 9.68
C ILE A 84 -12.11 6.25 11.21
N THR A 85 -12.52 7.35 11.83
CA THR A 85 -12.48 7.50 13.28
C THR A 85 -13.81 7.10 13.93
N GLU A 86 -14.89 7.05 13.15
CA GLU A 86 -16.15 6.45 13.60
C GLU A 86 -16.01 4.93 13.73
N GLN A 87 -15.32 4.32 12.76
CA GLN A 87 -15.17 2.86 12.69
C GLN A 87 -13.86 2.40 13.33
N MET A 88 -13.55 2.97 14.49
CA MET A 88 -12.27 2.76 15.15
C MET A 88 -12.31 1.53 16.06
N PHE A 89 -11.40 0.60 15.81
CA PHE A 89 -11.25 -0.62 16.63
C PHE A 89 -10.46 -0.23 17.87
N ASN A 90 -11.17 -0.01 18.98
CA ASN A 90 -10.58 0.56 20.18
C ASN A 90 -11.07 -0.10 21.48
N PHE A 91 -10.26 0.01 22.53
CA PHE A 91 -10.57 -0.62 23.82
C PHE A 91 -9.84 0.04 24.99
N ILE A 92 -10.16 -0.39 26.21
CA ILE A 92 -9.50 0.09 27.41
C ILE A 92 -8.61 -1.01 27.99
N THR A 93 -7.38 -0.67 28.33
CA THR A 93 -6.45 -1.63 28.92
C THR A 93 -6.90 -1.98 30.34
N LYS A 94 -6.32 -3.02 30.91
CA LYS A 94 -6.54 -3.35 32.33
C LYS A 94 -6.12 -2.18 33.22
N GLY A 95 -5.08 -1.46 32.79
CA GLY A 95 -4.61 -0.26 33.49
C GLY A 95 -5.40 1.02 33.23
N GLY A 96 -6.51 0.91 32.49
CA GLY A 96 -7.44 2.02 32.30
C GLY A 96 -7.22 2.92 31.10
N HIS A 97 -6.13 2.70 30.36
CA HIS A 97 -5.77 3.59 29.24
C HIS A 97 -6.64 3.35 28.01
N ARG A 98 -7.00 4.44 27.32
CA ARG A 98 -7.76 4.38 26.07
C ARG A 98 -6.78 4.23 24.88
N VAL A 99 -6.80 3.06 24.22
CA VAL A 99 -5.95 2.76 23.04
C VAL A 99 -6.80 2.25 21.88
N ALA A 100 -6.16 2.04 20.74
CA ALA A 100 -6.82 1.51 19.56
C ALA A 100 -5.82 0.84 18.64
N LEU A 101 -6.27 -0.22 17.99
CA LEU A 101 -5.60 -0.75 16.82
C LEU A 101 -5.77 0.32 15.74
N ARG A 102 -4.66 0.78 15.19
CA ARG A 102 -4.66 1.91 14.28
C ARG A 102 -5.68 1.74 13.14
N PRO A 103 -6.50 2.78 12.87
CA PRO A 103 -7.34 2.79 11.69
C PRO A 103 -6.60 3.34 10.48
N GLU A 104 -5.48 4.02 10.72
CA GLU A 104 -4.60 4.51 9.67
C GLU A 104 -3.24 4.80 10.26
N MET A 105 -2.26 5.04 9.39
CA MET A 105 -0.88 5.24 9.82
C MET A 105 -0.50 6.70 10.01
N THR A 106 -1.10 7.59 9.24
CA THR A 106 -0.60 8.95 9.14
C THR A 106 -0.40 9.61 10.53
N PRO A 107 -1.33 9.41 11.47
CA PRO A 107 -1.14 9.98 12.80
C PRO A 107 0.09 9.43 13.54
N SER A 108 0.37 8.15 13.35
CA SER A 108 1.59 7.53 13.87
C SER A 108 2.85 8.20 13.28
N LEU A 109 2.86 8.34 11.95
CA LEU A 109 3.94 9.04 11.25
C LEU A 109 4.17 10.42 11.82
N ALA A 110 3.08 11.19 11.98
CA ALA A 110 3.17 12.52 12.56
C ALA A 110 3.80 12.50 13.95
N ARG A 111 3.40 11.52 14.78
CA ARG A 111 3.95 11.38 16.13
C ARG A 111 5.46 11.20 16.07
N LEU A 112 5.90 10.28 15.22
CA LEU A 112 7.33 10.05 15.00
C LEU A 112 8.02 11.34 14.58
N LEU A 113 7.45 12.05 13.60
CA LEU A 113 8.02 13.30 13.13
C LEU A 113 8.09 14.35 14.25
N LEU A 114 6.98 14.56 14.96
CA LEU A 114 6.97 15.51 16.07
C LEU A 114 8.04 15.16 17.10
N GLY A 115 8.17 13.86 17.39
CA GLY A 115 9.19 13.37 18.30
C GLY A 115 10.61 13.71 17.90
N LYS A 116 10.91 13.63 16.61
CA LYS A 116 12.26 13.90 16.12
C LYS A 116 12.59 15.38 16.18
N GLY A 117 11.62 16.24 15.85
CA GLY A 117 11.81 17.68 15.89
C GLY A 117 12.92 18.16 14.97
N ARG A 118 13.87 18.91 15.54
CA ARG A 118 14.96 19.52 14.77
C ARG A 118 16.00 18.53 14.24
N SER A 119 16.13 17.38 14.92
CA SER A 119 17.08 16.36 14.49
C SER A 119 16.72 15.78 13.12
N LEU A 120 15.42 15.73 12.81
CA LEU A 120 14.95 15.20 11.54
C LEU A 120 15.44 16.07 10.41
N LEU A 121 16.20 15.46 9.50
CA LEU A 121 16.72 16.17 8.36
C LEU A 121 15.68 16.10 7.23
N LEU A 122 15.47 17.23 6.57
CA LEU A 122 14.39 17.39 5.60
C LEU A 122 14.98 17.81 4.25
N PRO A 123 14.33 17.42 3.15
CA PRO A 123 13.07 16.65 3.17
C PRO A 123 13.24 15.16 3.47
N ALA A 124 12.21 14.54 4.04
CA ALA A 124 12.22 13.12 4.34
C ALA A 124 11.13 12.40 3.53
N LYS A 125 11.48 11.22 3.04
CA LYS A 125 10.54 10.38 2.30
C LYS A 125 10.44 9.03 3.01
N TRP A 126 9.32 8.79 3.67
CA TRP A 126 9.15 7.61 4.53
C TRP A 126 8.00 6.73 4.04
N TYR A 127 8.17 5.42 4.14
CA TYR A 127 7.11 4.47 3.77
C TYR A 127 6.95 3.33 4.77
N SER A 128 5.85 2.63 4.65
CA SER A 128 5.57 1.47 5.47
CA SER A 128 5.57 1.47 5.47
C SER A 128 4.40 0.71 4.86
N ILE A 129 4.25 -0.55 5.23
CA ILE A 129 3.13 -1.34 4.80
C ILE A 129 2.38 -1.88 6.03
N PRO A 130 1.82 -0.96 6.87
CA PRO A 130 1.10 -1.37 8.08
C PRO A 130 -0.24 -2.06 7.87
N GLN A 131 -0.54 -3.03 8.72
CA GLN A 131 -1.87 -3.54 8.85
C GLN A 131 -2.68 -2.52 9.66
N CYS A 132 -3.84 -2.11 9.14
CA CYS A 132 -4.72 -1.14 9.84
C CYS A 132 -6.10 -1.78 10.09
N TRP A 133 -6.84 -1.24 11.07
CA TRP A 133 -8.00 -1.94 11.64
C TRP A 133 -9.29 -1.12 11.68
N ARG A 134 -10.41 -1.81 11.75
CA ARG A 134 -11.71 -1.17 11.98
C ARG A 134 -12.70 -2.12 12.65
N TYR A 135 -13.72 -1.52 13.26
CA TYR A 135 -14.82 -2.27 13.86
C TYR A 135 -16.10 -1.77 13.20
N GLU A 136 -16.74 -2.65 12.40
CA GLU A 136 -18.02 -2.35 11.75
C GLU A 136 -17.94 -1.20 10.74
N ARG A 142 -18.15 -8.07 6.34
CA ARG A 142 -17.19 -6.98 6.14
C ARG A 142 -15.86 -7.28 6.82
N ARG A 143 -14.78 -6.72 6.27
CA ARG A 143 -13.44 -6.94 6.80
C ARG A 143 -13.06 -5.92 7.88
N ARG A 144 -12.37 -6.38 8.93
CA ARG A 144 -11.92 -5.53 10.03
C ARG A 144 -10.42 -5.21 9.96
N GLU A 145 -9.70 -5.79 9.01
CA GLU A 145 -8.30 -5.45 8.84
C GLU A 145 -7.90 -5.40 7.37
N HIS A 146 -6.94 -4.54 7.08
CA HIS A 146 -6.30 -4.53 5.77
C HIS A 146 -4.87 -4.03 5.91
N TYR A 147 -4.03 -4.36 4.94
CA TYR A 147 -2.70 -3.79 4.83
C TYR A 147 -2.80 -2.57 3.93
N GLN A 148 -2.03 -1.54 4.25
CA GLN A 148 -2.06 -0.30 3.52
C GLN A 148 -0.67 0.25 3.34
N TRP A 149 -0.17 0.20 2.12
CA TRP A 149 1.09 0.82 1.78
C TRP A 149 0.95 2.30 2.02
N ASN A 150 1.82 2.89 2.83
CA ASN A 150 1.85 4.33 3.01
C ASN A 150 3.10 4.92 2.40
N MET A 151 2.98 6.07 1.77
CA MET A 151 4.12 6.81 1.26
C MET A 151 3.90 8.26 1.60
N ASP A 152 4.87 8.89 2.25
CA ASP A 152 4.73 10.26 2.66
C ASP A 152 6.01 11.01 2.44
N ILE A 153 5.89 12.23 1.94
CA ILE A 153 7.01 13.15 1.79
C ILE A 153 6.84 14.34 2.73
N VAL A 154 7.89 14.62 3.50
CA VAL A 154 7.82 15.60 4.58
C VAL A 154 8.85 16.70 4.34
N GLY A 155 8.42 17.96 4.44
CA GLY A 155 9.32 19.12 4.33
C GLY A 155 9.43 19.72 2.94
N VAL A 156 8.45 19.43 2.07
CA VAL A 156 8.42 19.93 0.70
C VAL A 156 7.13 20.72 0.47
N LYS A 157 7.28 22.04 0.37
CA LYS A 157 6.18 22.96 0.14
C LYS A 157 5.54 22.80 -1.23
N SER A 158 6.35 22.53 -2.25
CA SER A 158 5.86 22.56 -3.63
C SER A 158 5.19 21.26 -4.08
N VAL A 159 4.40 21.38 -5.15
CA VAL A 159 3.61 20.26 -5.68
C VAL A 159 4.47 19.14 -6.26
N SER A 160 5.78 19.36 -6.39
CA SER A 160 6.70 18.28 -6.75
C SER A 160 6.55 17.04 -5.85
N ALA A 161 6.19 17.26 -4.58
CA ALA A 161 5.87 16.18 -3.66
C ALA A 161 4.72 15.36 -4.16
N GLU A 162 3.60 16.02 -4.43
CA GLU A 162 2.39 15.34 -4.93
C GLU A 162 2.63 14.67 -6.27
N VAL A 163 3.45 15.28 -7.12
CA VAL A 163 3.84 14.66 -8.37
C VAL A 163 4.52 13.32 -8.12
N GLU A 164 5.58 13.34 -7.32
CA GLU A 164 6.35 12.15 -6.99
C GLU A 164 5.44 11.06 -6.46
N LEU A 165 4.63 11.41 -5.46
CA LEU A 165 3.71 10.46 -4.83
C LEU A 165 2.78 9.82 -5.84
N VAL A 166 2.15 10.64 -6.66
CA VAL A 166 1.23 10.16 -7.67
C VAL A 166 1.95 9.27 -8.67
N CYS A 167 3.16 9.64 -9.07
CA CYS A 167 3.96 8.81 -9.97
C CYS A 167 4.32 7.46 -9.34
N ALA A 168 4.65 7.46 -8.06
CA ALA A 168 4.93 6.20 -7.33
C ALA A 168 3.72 5.26 -7.36
N ALA A 169 2.54 5.81 -7.12
CA ALA A 169 1.32 5.01 -7.15
C ALA A 169 1.10 4.40 -8.53
N CYS A 170 1.28 5.20 -9.57
CA CYS A 170 1.18 4.69 -10.95
C CYS A 170 2.24 3.63 -11.23
N TRP A 171 3.47 3.92 -10.79
CA TRP A 171 4.61 2.99 -10.94
C TRP A 171 4.32 1.61 -10.36
N ALA A 172 3.72 1.57 -9.18
CA ALA A 172 3.36 0.31 -8.55
C ALA A 172 2.30 -0.43 -9.35
N MET A 173 1.28 0.29 -9.81
CA MET A 173 0.25 -0.34 -10.61
C MET A 173 0.82 -0.84 -11.94
N ARG A 174 1.69 -0.05 -12.58
CA ARG A 174 2.32 -0.49 -13.82
C ARG A 174 3.20 -1.71 -13.60
N SER A 175 3.90 -1.73 -12.46
CA SER A 175 4.76 -2.85 -12.09
C SER A 175 3.96 -4.15 -11.87
N LEU A 176 2.71 -4.01 -11.44
CA LEU A 176 1.78 -5.14 -11.32
C LEU A 176 1.13 -5.57 -12.65
N GLY A 177 1.45 -4.87 -13.74
CA GLY A 177 0.98 -5.23 -15.06
C GLY A 177 -0.17 -4.38 -15.60
N LEU A 178 -0.65 -3.45 -14.79
CA LEU A 178 -1.74 -2.58 -15.19
C LEU A 178 -1.23 -1.51 -16.14
N SER A 179 -2.10 -1.04 -17.03
CA SER A 179 -1.75 0.04 -17.93
C SER A 179 -2.63 1.24 -17.64
N SER A 180 -2.37 2.34 -18.33
CA SER A 180 -3.18 3.55 -18.22
C SER A 180 -4.55 3.36 -18.88
N LYS A 181 -4.71 2.26 -19.61
CA LYS A 181 -6.02 1.86 -20.11
C LYS A 181 -6.82 1.14 -19.02
N ASP A 182 -6.15 0.61 -18.02
CA ASP A 182 -6.82 -0.11 -16.93
C ASP A 182 -7.23 0.81 -15.80
N VAL A 183 -6.38 1.77 -15.46
CA VAL A 183 -6.59 2.61 -14.29
C VAL A 183 -6.13 4.03 -14.54
N GLY A 184 -6.50 4.92 -13.63
CA GLY A 184 -6.00 6.28 -13.63
C GLY A 184 -5.96 6.85 -12.24
N ILE A 185 -5.55 8.12 -12.13
CA ILE A 185 -5.59 8.83 -10.88
C ILE A 185 -6.25 10.19 -11.06
N LYS A 186 -7.38 10.38 -10.38
CA LYS A 186 -8.14 11.62 -10.41
C LYS A 186 -7.47 12.57 -9.44
N VAL A 187 -7.31 13.83 -9.84
CA VAL A 187 -6.56 14.80 -9.04
C VAL A 187 -7.35 16.09 -8.88
N ASN A 188 -7.32 16.67 -7.69
CA ASN A 188 -8.03 17.91 -7.41
C ASN A 188 -7.33 18.68 -6.29
N SER A 189 -7.75 19.92 -6.04
CA SER A 189 -7.24 20.70 -4.92
C SER A 189 -8.41 21.17 -4.05
N ARG A 190 -8.26 21.03 -2.73
CA ARG A 190 -9.28 21.46 -1.77
C ARG A 190 -9.33 22.97 -1.60
N LYS A 191 -8.29 23.66 -2.06
CA LYS A 191 -8.23 25.12 -1.96
C LYS A 191 -9.35 25.80 -2.75
N VAL A 192 -9.69 25.25 -3.91
CA VAL A 192 -10.77 25.83 -4.72
C VAL A 192 -12.02 25.95 -3.86
N LEU A 193 -12.43 24.82 -3.30
CA LEU A 193 -13.59 24.76 -2.42
C LEU A 193 -13.40 25.63 -1.19
N GLN A 194 -12.19 25.64 -0.64
CA GLN A 194 -11.86 26.47 0.52
C GLN A 194 -12.17 27.95 0.25
N THR A 195 -11.80 28.40 -0.95
CA THR A 195 -12.09 29.76 -1.38
C THR A 195 -13.60 30.01 -1.41
N VAL A 196 -14.36 29.04 -1.89
CA VAL A 196 -15.82 29.14 -1.95
C VAL A 196 -16.42 29.19 -0.54
N VAL A 197 -15.98 28.31 0.34
CA VAL A 197 -16.44 28.33 1.74
C VAL A 197 -16.01 29.62 2.44
N GLU A 198 -14.82 30.11 2.10
CA GLU A 198 -14.30 31.37 2.65
C GLU A 198 -15.09 32.58 2.13
N GLN A 199 -15.32 32.61 0.82
CA GLN A 199 -16.11 33.68 0.20
C GLN A 199 -17.58 33.67 0.64
N ALA A 200 -18.07 32.52 1.08
CA ALA A 200 -19.45 32.40 1.56
C ALA A 200 -19.61 32.68 3.05
N GLY A 201 -18.61 33.31 3.68
CA GLY A 201 -18.65 33.64 5.09
C GLY A 201 -17.76 32.72 5.92
N THR A 203 -16.90 30.22 7.63
CA THR A 203 -15.70 30.31 8.47
C THR A 203 -14.78 29.10 8.24
N SER A 204 -13.48 29.32 8.40
CA SER A 204 -12.47 28.30 8.10
C SER A 204 -12.66 27.01 8.92
N ASP A 205 -13.06 27.17 10.18
CA ASP A 205 -13.25 26.06 11.12
C ASP A 205 -14.16 24.93 10.62
N LYS A 206 -15.19 25.27 9.83
CA LYS A 206 -16.17 24.29 9.37
C LYS A 206 -15.74 23.51 8.13
N PHE A 207 -14.62 23.93 7.53
CA PHE A 207 -14.16 23.37 6.25
C PHE A 207 -13.95 21.85 6.26
N ALA A 208 -13.40 21.32 7.35
CA ALA A 208 -13.11 19.89 7.44
C ALA A 208 -14.38 19.02 7.50
N PRO A 209 -15.34 19.36 8.37
CA PRO A 209 -16.65 18.70 8.35
C PRO A 209 -17.34 18.75 6.98
N VAL A 210 -17.20 19.89 6.30
CA VAL A 210 -17.79 20.09 4.98
C VAL A 210 -17.20 19.12 3.95
N CYS A 211 -15.87 19.09 3.86
CA CYS A 211 -15.17 18.15 2.99
C CYS A 211 -15.63 16.71 3.26
N VAL A 212 -15.75 16.35 4.54
CA VAL A 212 -16.13 15.00 4.95
C VAL A 212 -17.53 14.62 4.45
N ILE A 213 -18.47 15.56 4.49
CA ILE A 213 -19.81 15.30 3.97
C ILE A 213 -19.79 15.26 2.45
N VAL A 214 -19.17 16.28 1.85
CA VAL A 214 -19.09 16.41 0.39
C VAL A 214 -18.42 15.18 -0.24
N ASP A 215 -17.48 14.59 0.47
CA ASP A 215 -16.85 13.34 0.05
C ASP A 215 -17.88 12.21 -0.16
N LYS A 216 -18.99 12.26 0.58
CA LYS A 216 -20.02 11.21 0.50
C LYS A 216 -20.91 11.29 -0.74
N MET A 217 -20.67 12.27 -1.62
CA MET A 217 -21.57 12.55 -2.76
C MET A 217 -21.76 11.36 -3.71
N GLU A 218 -20.73 10.52 -3.86
CA GLU A 218 -20.82 9.34 -4.73
C GLU A 218 -21.34 8.14 -3.95
N ARG A 222 -27.55 11.21 -1.55
CA ARG A 222 -27.64 12.24 -2.58
C ARG A 222 -28.25 13.51 -1.99
N GLU A 223 -29.56 13.50 -1.79
CA GLU A 223 -30.24 14.57 -1.04
C GLU A 223 -29.87 14.48 0.44
N GLU A 224 -29.48 13.28 0.88
CA GLU A 224 -29.00 13.04 2.24
C GLU A 224 -27.73 13.83 2.57
N VAL A 225 -26.87 14.02 1.58
CA VAL A 225 -25.65 14.83 1.76
C VAL A 225 -25.97 16.32 1.84
N GLU A 226 -26.99 16.75 1.10
CA GLU A 226 -27.51 18.13 1.21
C GLU A 226 -28.07 18.40 2.60
N ALA A 227 -28.72 17.39 3.18
CA ALA A 227 -29.28 17.48 4.53
C ALA A 227 -28.19 17.58 5.59
N GLN A 228 -27.08 16.89 5.37
CA GLN A 228 -25.94 16.91 6.29
C GLN A 228 -25.24 18.28 6.31
N LEU A 229 -25.17 18.93 5.14
CA LEU A 229 -24.61 20.28 5.04
C LEU A 229 -25.50 21.30 5.74
N ALA A 230 -26.81 21.09 5.68
CA ALA A 230 -27.78 21.90 6.41
C ALA A 230 -27.69 21.61 7.91
N VAL A 231 -27.60 20.32 8.26
CA VAL A 231 -27.42 19.91 9.65
C VAL A 231 -26.18 20.53 10.28
N LEU A 232 -25.14 20.76 9.48
CA LEU A 232 -23.95 21.48 9.92
C LEU A 232 -24.26 22.96 10.13
N GLY A 233 -25.03 23.54 9.21
CA GLY A 233 -25.48 24.92 9.32
C GLY A 233 -25.21 25.69 8.03
N LEU A 234 -24.74 26.92 8.17
CA LEU A 234 -24.42 27.78 7.02
C LEU A 234 -23.83 29.12 7.48
N THR A 237 -28.01 29.33 -1.02
CA THR A 237 -27.13 28.98 0.09
C THR A 237 -25.74 28.65 -0.45
N VAL A 238 -24.78 28.51 0.47
CA VAL A 238 -23.42 28.10 0.13
C VAL A 238 -23.39 26.66 -0.39
N VAL A 239 -24.40 25.88 -0.03
CA VAL A 239 -24.59 24.51 -0.53
C VAL A 239 -24.59 24.46 -2.06
N ASP A 240 -25.33 25.36 -2.69
CA ASP A 240 -25.44 25.42 -4.14
C ASP A 240 -24.09 25.64 -4.83
N ALA A 241 -23.32 26.61 -4.32
CA ALA A 241 -22.00 26.91 -4.89
C ALA A 241 -21.03 25.74 -4.76
N ILE A 242 -21.20 24.95 -3.71
CA ILE A 242 -20.41 23.74 -3.51
C ILE A 242 -20.74 22.70 -4.58
N THR A 243 -22.03 22.46 -4.84
CA THR A 243 -22.42 21.45 -5.83
C THR A 243 -21.89 21.79 -7.22
N THR A 244 -21.99 23.07 -7.61
CA THR A 244 -21.55 23.51 -8.93
C THR A 244 -20.05 23.38 -9.10
N THR A 245 -19.27 23.77 -8.10
CA THR A 245 -17.81 23.65 -8.18
C THR A 245 -17.31 22.21 -8.22
N LEU A 246 -18.01 21.30 -7.54
CA LEU A 246 -17.72 19.87 -7.64
C LEU A 246 -17.97 19.34 -9.06
N SER A 247 -18.88 19.98 -9.79
CA SER A 247 -19.26 19.55 -11.14
C SER A 247 -18.47 20.21 -12.27
N LEU A 248 -17.57 21.14 -11.95
CA LEU A 248 -16.76 21.80 -12.98
C LEU A 248 -15.80 20.81 -13.61
N LYS A 249 -15.91 20.63 -14.92
CA LYS A 249 -15.25 19.51 -15.62
C LYS A 249 -13.79 19.73 -15.97
N SER A 250 -13.26 20.94 -15.79
CA SER A 250 -11.85 21.19 -16.15
C SER A 250 -11.22 22.30 -15.34
N ILE A 251 -9.90 22.48 -15.51
CA ILE A 251 -9.17 23.52 -14.80
C ILE A 251 -9.44 24.89 -15.39
N ASP A 252 -9.54 24.97 -16.72
CA ASP A 252 -9.92 26.24 -17.36
C ASP A 252 -11.24 26.77 -16.81
N GLU A 253 -12.19 25.87 -16.53
CA GLU A 253 -13.46 26.25 -15.89
C GLU A 253 -13.26 26.63 -14.41
N ILE A 254 -12.26 26.03 -13.76
CA ILE A 254 -11.84 26.48 -12.43
C ILE A 254 -11.18 27.84 -12.56
N ALA A 255 -10.33 27.99 -13.57
CA ALA A 255 -9.68 29.26 -13.87
C ALA A 255 -10.68 30.36 -14.25
N GLN A 256 -11.76 29.99 -14.93
CA GLN A 256 -12.85 30.95 -15.21
C GLN A 256 -13.38 31.56 -13.92
N ARG A 257 -13.49 30.71 -12.90
CA ARG A 257 -14.09 31.10 -11.64
C ARG A 257 -13.06 31.50 -10.56
N VAL A 258 -11.80 31.09 -10.75
CA VAL A 258 -10.74 31.41 -9.78
C VAL A 258 -9.69 32.39 -10.30
N GLY A 259 -9.68 32.62 -11.61
CA GLY A 259 -8.57 33.33 -12.26
C GLY A 259 -7.48 32.35 -12.63
N GLU A 260 -6.68 32.70 -13.63
CA GLU A 260 -5.61 31.82 -14.10
C GLU A 260 -4.49 31.60 -13.07
N GLU A 261 -4.45 32.43 -12.02
CA GLU A 261 -3.50 32.22 -10.92
C GLU A 261 -4.14 32.29 -9.53
N HIS A 262 -5.10 31.40 -9.28
CA HIS A 262 -5.41 30.96 -7.92
C HIS A 262 -4.27 30.02 -7.57
N GLU A 263 -3.97 29.87 -6.29
CA GLU A 263 -2.97 28.89 -5.86
C GLU A 263 -3.27 27.57 -6.53
N ALA A 264 -4.51 27.12 -6.36
CA ALA A 264 -4.97 25.84 -6.91
C ALA A 264 -4.75 25.69 -8.42
N VAL A 265 -4.96 26.74 -9.20
CA VAL A 265 -4.80 26.66 -10.65
C VAL A 265 -3.31 26.55 -10.99
N LYS A 266 -2.51 27.44 -10.42
CA LYS A 266 -1.05 27.39 -10.62
C LYS A 266 -0.49 26.04 -10.21
N GLU A 267 -0.97 25.50 -9.10
CA GLU A 267 -0.49 24.21 -8.58
C GLU A 267 -0.82 23.05 -9.49
N LEU A 268 -2.07 22.98 -9.92
CA LEU A 268 -2.53 21.88 -10.76
C LEU A 268 -1.83 21.84 -12.11
N ARG A 269 -1.60 23.00 -12.72
CA ARG A 269 -0.88 23.07 -14.00
C ARG A 269 0.56 22.64 -13.81
N GLN A 270 1.18 23.20 -12.78
CA GLN A 270 2.50 22.72 -12.32
C GLN A 270 2.48 21.21 -12.14
N PHE A 271 1.51 20.71 -11.40
CA PHE A 271 1.36 19.27 -11.16
C PHE A 271 1.32 18.48 -12.47
N PHE A 272 0.35 18.81 -13.33
CA PHE A 272 0.16 18.09 -14.59
C PHE A 272 1.34 18.24 -15.54
N GLU A 273 1.98 19.40 -15.56
CA GLU A 273 3.19 19.56 -16.36
C GLU A 273 4.28 18.55 -15.92
N GLN A 274 4.54 18.51 -14.62
CA GLN A 274 5.58 17.62 -14.08
C GLN A 274 5.27 16.15 -14.31
N VAL A 275 4.03 15.74 -14.10
CA VAL A 275 3.64 14.35 -14.36
C VAL A 275 3.75 14.00 -15.85
N GLU A 276 3.41 14.98 -16.70
CA GLU A 276 3.55 14.81 -18.15
C GLU A 276 5.03 14.60 -18.47
N ALA A 277 5.87 15.50 -17.97
CA ALA A 277 7.31 15.42 -18.15
C ALA A 277 7.93 14.12 -17.64
N TYR A 278 7.40 13.58 -16.54
CA TYR A 278 7.88 12.31 -15.99
C TYR A 278 7.47 11.13 -16.89
N GLY A 279 6.42 11.33 -17.68
CA GLY A 279 5.99 10.35 -18.66
C GLY A 279 4.77 9.55 -18.27
N TYR A 280 3.94 10.10 -17.37
CA TYR A 280 2.75 9.41 -16.89
C TYR A 280 1.49 10.26 -17.13
N GLY A 281 1.50 11.05 -18.20
CA GLY A 281 0.39 11.94 -18.51
C GLY A 281 -0.92 11.24 -18.79
N ASP A 282 -0.84 10.04 -19.37
CA ASP A 282 -2.03 9.24 -19.65
C ASP A 282 -2.65 8.62 -18.38
N TRP A 283 -1.92 8.67 -17.26
CA TRP A 283 -2.39 8.07 -16.01
C TRP A 283 -3.20 9.01 -15.13
N VAL A 284 -3.09 10.32 -15.34
CA VAL A 284 -3.68 11.31 -14.44
C VAL A 284 -4.63 12.26 -15.16
N LEU A 285 -5.56 12.80 -14.38
CA LEU A 285 -6.58 13.67 -14.92
C LEU A 285 -7.19 14.47 -13.79
N PHE A 286 -7.87 15.56 -14.15
CA PHE A 286 -8.53 16.43 -13.20
C PHE A 286 -9.96 15.97 -12.94
N ASP A 287 -10.41 16.08 -11.69
CA ASP A 287 -11.79 15.79 -11.33
C ASP A 287 -12.16 16.61 -10.09
N ALA A 288 -13.05 17.57 -10.27
CA ALA A 288 -13.38 18.53 -9.23
C ALA A 288 -14.24 17.96 -8.10
N SER A 289 -14.75 16.74 -8.26
CA SER A 289 -15.56 16.11 -7.22
C SER A 289 -14.71 15.37 -6.17
N VAL A 290 -13.42 15.19 -6.45
CA VAL A 290 -12.50 14.48 -5.55
C VAL A 290 -12.09 15.35 -4.36
N VAL A 291 -12.57 15.03 -3.16
CA VAL A 291 -12.11 15.72 -1.95
C VAL A 291 -11.38 14.82 -0.94
N ARG A 292 -11.67 13.52 -0.96
CA ARG A 292 -11.24 12.55 0.06
C ARG A 292 -11.99 12.78 1.38
N GLY A 293 -12.07 11.72 2.17
CA GLY A 293 -12.89 11.70 3.38
C GLY A 293 -12.20 12.15 4.66
N LEU A 294 -10.92 12.49 4.57
CA LEU A 294 -10.11 12.79 5.74
C LEU A 294 -10.02 14.28 5.98
N ALA A 295 -9.94 14.65 7.26
CA ALA A 295 -10.10 16.03 7.69
C ALA A 295 -8.90 16.89 7.34
N TYR A 296 -7.72 16.30 7.42
CA TYR A 296 -6.47 17.07 7.45
C TYR A 296 -5.90 17.47 6.08
N TYR A 297 -6.51 17.04 4.98
CA TYR A 297 -6.01 17.44 3.67
C TYR A 297 -6.32 18.92 3.42
N THR A 298 -5.30 19.66 2.97
CA THR A 298 -5.36 21.11 2.80
C THR A 298 -5.19 21.58 1.35
N GLY A 299 -4.66 20.72 0.49
CA GLY A 299 -4.28 21.14 -0.85
C GLY A 299 -4.68 20.10 -1.87
N ILE A 300 -3.72 19.69 -2.70
CA ILE A 300 -3.96 18.65 -3.70
C ILE A 300 -4.39 17.37 -3.01
N VAL A 301 -5.43 16.74 -3.57
CA VAL A 301 -5.93 15.45 -3.10
C VAL A 301 -6.11 14.58 -4.33
N PHE A 302 -5.99 13.26 -4.17
CA PHE A 302 -6.07 12.36 -5.32
C PHE A 302 -6.51 10.96 -4.95
N GLU A 303 -6.89 10.22 -5.98
CA GLU A 303 -7.59 8.96 -5.82
C GLU A 303 -7.36 8.08 -7.04
N GLY A 304 -6.91 6.86 -6.81
CA GLY A 304 -6.74 5.89 -7.88
C GLY A 304 -8.05 5.21 -8.17
N PHE A 305 -8.26 4.82 -9.43
CA PHE A 305 -9.54 4.24 -9.84
C PHE A 305 -9.38 3.36 -11.07
N ASP A 306 -10.24 2.35 -11.17
CA ASP A 306 -10.27 1.52 -12.37
C ASP A 306 -11.16 2.21 -13.39
N ARG A 307 -10.72 2.18 -14.64
CA ARG A 307 -11.41 2.88 -15.73
C ARG A 307 -12.70 2.22 -16.23
N GLU A 308 -13.06 1.07 -15.65
CA GLU A 308 -14.31 0.39 -15.97
C GLU A 308 -15.42 0.72 -14.96
N GLY A 309 -15.11 1.49 -13.93
CA GLY A 309 -16.08 1.89 -12.92
C GLY A 309 -16.60 0.77 -12.04
N LYS A 310 -15.81 -0.30 -11.91
CA LYS A 310 -16.24 -1.48 -11.17
C LYS A 310 -15.88 -1.49 -9.69
N PHE A 311 -14.82 -0.77 -9.31
CA PHE A 311 -14.25 -0.93 -7.98
C PHE A 311 -14.16 0.36 -7.21
N ARG A 312 -14.10 0.25 -5.89
CA ARG A 312 -13.82 1.39 -5.03
C ARG A 312 -12.42 1.92 -5.31
N ALA A 313 -12.05 3.02 -4.67
CA ALA A 313 -10.75 3.64 -4.88
C ALA A 313 -9.62 2.66 -4.55
N LEU A 314 -8.58 2.65 -5.39
CA LEU A 314 -7.42 1.77 -5.24
C LEU A 314 -6.43 2.35 -4.24
N CYS A 315 -6.32 3.68 -4.25
CA CYS A 315 -5.44 4.41 -3.34
C CYS A 315 -6.00 5.80 -3.19
N GLY A 316 -5.53 6.51 -2.17
CA GLY A 316 -5.99 7.84 -1.88
C GLY A 316 -5.00 8.61 -1.01
N GLY A 317 -4.93 9.91 -1.23
CA GLY A 317 -3.96 10.73 -0.54
C GLY A 317 -4.07 12.20 -0.85
N GLY A 318 -3.10 12.97 -0.38
CA GLY A 318 -3.09 14.40 -0.61
C GLY A 318 -2.14 15.12 0.31
N ARG A 319 -2.24 16.45 0.29
CA ARG A 319 -1.39 17.33 1.08
C ARG A 319 -2.06 17.62 2.41
N TYR A 320 -1.29 17.62 3.48
CA TYR A 320 -1.78 17.92 4.82
C TYR A 320 -0.76 18.79 5.57
N ASP A 321 -0.76 20.08 5.24
CA ASP A 321 0.26 21.02 5.70
C ASP A 321 0.06 21.54 7.12
N ASN A 322 -1.09 21.25 7.72
CA ASN A 322 -1.43 21.72 9.06
C ASN A 322 -1.45 20.65 10.14
N LEU A 323 -1.38 19.38 9.76
CA LEU A 323 -1.52 18.31 10.73
C LEU A 323 -0.53 18.46 11.88
N LEU A 324 0.75 18.61 11.56
CA LEU A 324 1.76 18.68 12.61
C LEU A 324 1.67 19.95 13.47
N THR A 325 1.13 21.03 12.91
CA THR A 325 0.82 22.22 13.71
C THR A 325 -0.29 21.90 14.72
N THR A 326 -1.24 21.08 14.30
CA THR A 326 -2.32 20.59 15.14
C THR A 326 -1.80 19.75 16.31
N TYR A 327 -0.83 18.87 16.04
CA TYR A 327 -0.24 18.00 17.07
C TYR A 327 0.71 18.75 18.01
N GLY A 328 1.01 20.02 17.69
CA GLY A 328 1.78 20.88 18.58
C GLY A 328 3.10 21.42 18.06
N SER A 329 3.47 21.10 16.81
CA SER A 329 4.74 21.56 16.25
C SER A 329 4.83 23.08 16.30
N PRO A 330 5.94 23.63 16.83
CA PRO A 330 6.11 25.09 16.82
C PRO A 330 6.29 25.67 15.41
N THR A 331 6.92 24.91 14.51
CA THR A 331 7.09 25.33 13.12
C THR A 331 6.13 24.51 12.24
N PRO A 332 5.47 25.16 11.25
CA PRO A 332 4.63 24.38 10.35
C PRO A 332 5.46 23.41 9.52
N ILE A 333 4.96 22.19 9.34
CA ILE A 333 5.66 21.19 8.55
C ILE A 333 4.79 20.74 7.38
N PRO A 334 5.20 21.09 6.14
CA PRO A 334 4.48 20.61 4.97
C PRO A 334 4.63 19.10 4.82
N CYS A 335 3.52 18.43 4.53
CA CYS A 335 3.49 16.98 4.37
C CYS A 335 2.51 16.63 3.28
N ALA A 336 2.78 15.55 2.57
CA ALA A 336 1.82 14.96 1.65
C ALA A 336 2.09 13.48 1.56
N GLY A 337 1.06 12.71 1.22
CA GLY A 337 1.25 11.27 1.09
C GLY A 337 -0.02 10.57 0.69
N PHE A 338 0.06 9.24 0.64
CA PHE A 338 -1.09 8.43 0.26
C PHE A 338 -1.06 7.06 0.92
N GLY A 339 -2.18 6.39 0.82
CA GLY A 339 -2.38 5.06 1.33
C GLY A 339 -2.96 4.26 0.19
N PHE A 340 -2.61 2.99 0.16
CA PHE A 340 -2.84 2.15 -0.99
C PHE A 340 -3.06 0.75 -0.44
N GLY A 341 -4.32 0.33 -0.45
CA GLY A 341 -4.78 -0.89 0.21
C GLY A 341 -4.41 -2.15 -0.54
N ASP A 342 -4.64 -3.29 0.10
CA ASP A 342 -4.18 -4.57 -0.44
C ASP A 342 -5.32 -5.41 -1.03
N CYS A 343 -6.54 -4.89 -1.01
CA CYS A 343 -7.69 -5.67 -1.44
C CYS A 343 -8.25 -5.29 -2.80
N VAL A 344 -8.60 -4.01 -2.95
CA VAL A 344 -9.18 -3.53 -4.19
C VAL A 344 -8.24 -3.84 -5.35
N ILE A 345 -6.96 -3.51 -5.16
CA ILE A 345 -5.93 -3.82 -6.16
C ILE A 345 -5.92 -5.31 -6.56
N VAL A 346 -6.13 -6.19 -5.58
CA VAL A 346 -6.11 -7.63 -5.84
C VAL A 346 -7.34 -8.08 -6.62
N GLU A 347 -8.52 -7.60 -6.21
CA GLU A 347 -9.76 -7.86 -6.97
C GLU A 347 -9.58 -7.42 -8.42
N LEU A 348 -9.05 -6.22 -8.59
CA LEU A 348 -8.81 -5.66 -9.91
C LEU A 348 -7.84 -6.54 -10.69
N LEU A 349 -6.71 -6.88 -10.08
CA LEU A 349 -5.72 -7.73 -10.75
C LEU A 349 -6.29 -9.11 -11.13
N GLN A 350 -7.14 -9.65 -10.25
CA GLN A 350 -7.83 -10.92 -10.53
C GLN A 350 -8.76 -10.78 -11.73
N GLU A 351 -9.52 -9.69 -11.78
CA GLU A 351 -10.40 -9.40 -12.92
C GLU A 351 -9.61 -9.32 -14.24
N LYS A 352 -8.43 -8.69 -14.19
CA LYS A 352 -7.56 -8.51 -15.37
C LYS A 352 -6.68 -9.72 -15.69
N ARG A 353 -6.80 -10.79 -14.89
CA ARG A 353 -5.99 -12.01 -15.04
C ARG A 353 -4.50 -11.73 -14.88
N LEU A 354 -4.18 -10.84 -13.94
CA LEU A 354 -2.78 -10.49 -13.64
C LEU A 354 -2.32 -11.04 -12.29
N LEU A 355 -3.03 -12.02 -11.74
CA LEU A 355 -2.60 -12.70 -10.53
C LEU A 355 -2.65 -14.19 -10.76
N PRO A 356 -1.81 -14.69 -11.69
CA PRO A 356 -1.76 -16.13 -11.84
C PRO A 356 -1.21 -16.74 -10.55
N ASP A 357 -1.71 -17.93 -10.21
CA ASP A 357 -1.18 -18.68 -9.10
C ASP A 357 0.34 -18.74 -9.23
N ILE A 358 1.05 -18.36 -8.18
CA ILE A 358 2.49 -18.46 -8.14
C ILE A 358 2.84 -19.74 -7.39
N PRO A 359 3.40 -20.74 -8.09
CA PRO A 359 3.70 -21.98 -7.36
C PRO A 359 4.99 -21.81 -6.58
N HIS A 360 5.12 -22.52 -5.47
CA HIS A 360 6.39 -22.55 -4.73
C HIS A 360 7.49 -23.14 -5.60
N VAL A 361 8.72 -22.61 -5.46
CA VAL A 361 9.89 -23.17 -6.13
C VAL A 361 11.05 -23.35 -5.16
N VAL A 362 11.99 -24.21 -5.55
CA VAL A 362 13.22 -24.47 -4.80
C VAL A 362 14.24 -25.03 -5.80
N ASP A 363 15.50 -24.65 -5.65
CA ASP A 363 16.52 -25.02 -6.64
C ASP A 363 16.72 -26.52 -6.64
N ASP A 364 17.10 -27.06 -5.48
CA ASP A 364 17.48 -28.46 -5.37
C ASP A 364 16.69 -29.20 -4.32
N VAL A 365 16.35 -30.45 -4.61
CA VAL A 365 15.89 -31.38 -3.58
C VAL A 365 16.86 -32.58 -3.51
N VAL A 366 17.48 -32.74 -2.35
CA VAL A 366 18.47 -33.76 -2.11
C VAL A 366 17.80 -35.04 -1.64
N ILE A 367 18.05 -36.12 -2.37
CA ILE A 367 17.39 -37.40 -2.10
C ILE A 367 18.42 -38.44 -1.64
N PRO A 368 18.34 -38.84 -0.36
CA PRO A 368 19.17 -39.95 0.07
C PRO A 368 18.60 -41.24 -0.50
N PHE A 369 19.45 -42.02 -1.16
CA PHE A 369 19.02 -43.28 -1.74
C PHE A 369 18.38 -44.16 -0.67
N ASP A 370 18.94 -44.10 0.54
CA ASP A 370 18.32 -44.72 1.72
C ASP A 370 18.92 -44.09 2.97
N GLU A 371 18.53 -44.58 4.14
CA GLU A 371 18.95 -43.97 5.40
C GLU A 371 20.45 -44.02 5.68
N SER A 372 21.15 -45.01 5.12
CA SER A 372 22.60 -45.08 5.26
C SER A 372 23.30 -43.92 4.54
N MET A 373 22.67 -43.39 3.49
CA MET A 373 23.22 -42.25 2.72
C MET A 373 22.87 -40.86 3.29
N ARG A 374 22.08 -40.80 4.36
CA ARG A 374 21.65 -39.52 4.92
C ARG A 374 22.83 -38.58 5.26
N PRO A 375 23.80 -39.06 6.07
CA PRO A 375 24.91 -38.16 6.39
C PRO A 375 25.61 -37.58 5.16
N HIS A 376 25.74 -38.40 4.11
CA HIS A 376 26.36 -37.93 2.87
C HIS A 376 25.42 -36.95 2.17
N ALA A 377 24.13 -37.27 2.11
CA ALA A 377 23.12 -36.34 1.59
C ALA A 377 23.15 -34.98 2.31
N LEU A 378 23.37 -35.02 3.62
CA LEU A 378 23.45 -33.80 4.42
C LEU A 378 24.66 -32.94 4.08
N ALA A 379 25.81 -33.59 3.80
CA ALA A 379 27.01 -32.86 3.43
C ALA A 379 26.80 -32.17 2.10
N VAL A 380 26.14 -32.86 1.18
CA VAL A 380 25.78 -32.28 -0.12
C VAL A 380 24.77 -31.12 0.07
N LEU A 381 23.76 -31.34 0.92
CA LEU A 381 22.82 -30.27 1.25
C LEU A 381 23.56 -29.02 1.70
N ARG A 382 24.55 -29.20 2.57
CA ARG A 382 25.38 -28.09 3.03
C ARG A 382 26.10 -27.37 1.90
N ARG A 383 26.69 -28.12 0.97
CA ARG A 383 27.40 -27.51 -0.16
C ARG A 383 26.45 -26.66 -1.01
N LEU A 384 25.27 -27.21 -1.30
CA LEU A 384 24.28 -26.51 -2.12
C LEU A 384 23.88 -25.18 -1.49
N ARG A 385 23.58 -25.21 -0.21
CA ARG A 385 23.15 -24.00 0.50
C ARG A 385 24.30 -23.01 0.65
N ASP A 386 25.47 -23.49 1.04
CA ASP A 386 26.69 -22.68 1.10
C ASP A 386 26.88 -21.83 -0.15
N ALA A 387 26.46 -22.36 -1.29
CA ALA A 387 26.63 -21.67 -2.58
C ALA A 387 25.44 -20.76 -2.97
N GLY A 388 24.50 -20.56 -2.06
CA GLY A 388 23.41 -19.62 -2.29
C GLY A 388 22.21 -20.25 -2.99
N ARG A 389 22.14 -21.57 -3.03
CA ARG A 389 20.97 -22.23 -3.58
C ARG A 389 19.95 -22.50 -2.48
N SER A 390 18.68 -22.65 -2.88
CA SER A 390 17.64 -23.08 -1.97
C SER A 390 17.45 -24.56 -2.15
N ALA A 391 17.60 -25.33 -1.09
CA ALA A 391 17.52 -26.77 -1.20
C ALA A 391 16.81 -27.42 -0.05
N ASP A 392 16.06 -28.47 -0.36
CA ASP A 392 15.49 -29.35 0.64
C ASP A 392 16.27 -30.64 0.64
N ILE A 393 16.08 -31.40 1.71
CA ILE A 393 16.48 -32.79 1.74
C ILE A 393 15.25 -33.56 2.18
N ILE A 394 15.06 -34.74 1.60
CA ILE A 394 13.94 -35.57 1.98
C ILE A 394 14.16 -35.89 3.47
N LEU A 395 13.30 -35.34 4.32
CA LEU A 395 13.44 -35.48 5.78
C LEU A 395 12.96 -36.82 6.28
N ASP A 396 11.87 -37.29 5.71
CA ASP A 396 11.26 -38.56 6.12
C ASP A 396 11.89 -39.74 5.37
N LYS A 397 11.49 -40.95 5.74
CA LYS A 397 12.01 -42.16 5.13
C LYS A 397 11.07 -42.59 4.01
N LYS A 398 11.53 -42.53 2.76
CA LYS A 398 10.70 -42.93 1.62
C LYS A 398 11.48 -43.37 0.38
N LYS A 399 10.79 -44.06 -0.53
CA LYS A 399 11.44 -44.66 -1.70
C LYS A 399 11.74 -43.57 -2.70
N VAL A 400 12.78 -43.79 -3.51
CA VAL A 400 13.31 -42.77 -4.43
C VAL A 400 12.23 -42.15 -5.32
N VAL A 401 11.38 -42.99 -5.90
CA VAL A 401 10.33 -42.51 -6.78
C VAL A 401 9.32 -41.58 -6.08
N GLN A 402 9.01 -41.85 -4.81
CA GLN A 402 8.17 -40.95 -4.00
C GLN A 402 8.88 -39.62 -3.79
N ALA A 403 10.18 -39.69 -3.53
CA ALA A 403 10.99 -38.52 -3.30
C ALA A 403 11.05 -37.64 -4.55
N PHE A 404 11.08 -38.26 -5.73
CA PHE A 404 11.04 -37.53 -7.01
C PHE A 404 9.70 -36.85 -7.24
N ASN A 405 8.60 -37.53 -6.92
CA ASN A 405 7.27 -36.93 -7.00
C ASN A 405 7.16 -35.73 -6.07
N TYR A 406 7.65 -35.93 -4.84
CA TYR A 406 7.70 -34.87 -3.85
C TYR A 406 8.50 -33.65 -4.36
N ALA A 407 9.67 -33.92 -4.92
CA ALA A 407 10.49 -32.88 -5.55
C ALA A 407 9.71 -32.10 -6.61
N ASP A 408 9.00 -32.81 -7.47
CA ASP A 408 8.16 -32.17 -8.49
C ASP A 408 7.05 -31.36 -7.83
N ARG A 409 6.40 -31.94 -6.81
CA ARG A 409 5.32 -31.28 -6.09
C ARG A 409 5.75 -29.92 -5.51
N VAL A 410 6.92 -29.87 -4.85
CA VAL A 410 7.39 -28.61 -4.26
C VAL A 410 8.08 -27.68 -5.28
N GLY A 411 8.02 -28.03 -6.57
CA GLY A 411 8.51 -27.16 -7.63
C GLY A 411 10.01 -27.05 -7.65
N ALA A 412 10.70 -28.16 -7.37
CA ALA A 412 12.16 -28.23 -7.45
C ALA A 412 12.65 -28.14 -8.88
N VAL A 413 13.70 -27.35 -9.12
CA VAL A 413 14.31 -27.22 -10.44
C VAL A 413 15.12 -28.47 -10.82
N ARG A 414 15.78 -29.08 -9.84
CA ARG A 414 16.49 -30.34 -10.08
C ARG A 414 16.55 -31.21 -8.82
N ALA A 415 16.59 -32.53 -9.03
CA ALA A 415 16.69 -33.49 -7.94
C ALA A 415 18.11 -34.07 -7.92
N VAL A 416 18.69 -34.13 -6.73
CA VAL A 416 20.06 -34.59 -6.54
C VAL A 416 20.02 -35.87 -5.71
N LEU A 417 20.14 -37.01 -6.38
CA LEU A 417 20.10 -38.31 -5.73
C LEU A 417 21.49 -38.67 -5.21
N VAL A 418 21.58 -39.08 -3.95
CA VAL A 418 22.85 -39.41 -3.30
C VAL A 418 22.89 -40.91 -2.99
N ALA A 419 23.43 -41.68 -3.94
CA ALA A 419 23.41 -43.14 -3.85
C ALA A 419 24.82 -43.69 -3.57
N PRO A 420 24.91 -44.93 -3.06
CA PRO A 420 26.21 -45.50 -2.67
C PRO A 420 27.22 -45.61 -3.82
N GLU A 421 26.79 -46.13 -4.97
CA GLU A 421 27.70 -46.36 -6.09
C GLU A 421 28.37 -45.07 -6.56
N GLU A 422 27.58 -44.01 -6.70
CA GLU A 422 28.08 -42.71 -7.15
C GLU A 422 28.96 -42.06 -6.10
N TRP A 423 28.54 -42.18 -4.84
CA TRP A 423 29.29 -41.58 -3.73
C TRP A 423 30.72 -42.09 -3.71
N GLU A 424 30.90 -43.39 -3.94
CA GLU A 424 32.24 -44.00 -4.05
C GLU A 424 33.07 -43.26 -5.10
N ARG A 425 32.46 -43.00 -6.26
CA ARG A 425 33.13 -42.28 -7.35
C ARG A 425 33.31 -40.78 -7.09
N GLY A 426 32.91 -40.32 -5.91
CA GLY A 426 32.91 -38.89 -5.56
C GLY A 426 31.77 -38.12 -6.21
N GLU A 427 30.65 -38.81 -6.45
CA GLU A 427 29.59 -38.25 -7.29
C GLU A 427 28.18 -38.36 -6.70
N VAL A 428 27.27 -37.63 -7.33
CA VAL A 428 25.83 -37.80 -7.14
C VAL A 428 25.15 -37.84 -8.51
N GLN A 429 23.90 -38.30 -8.54
CA GLN A 429 23.08 -38.22 -9.73
C GLN A 429 22.24 -36.94 -9.67
N VAL A 430 22.22 -36.20 -10.77
CA VAL A 430 21.44 -34.97 -10.88
C VAL A 430 20.46 -35.12 -12.05
N LYS A 431 19.20 -34.73 -11.79
CA LYS A 431 18.17 -34.74 -12.83
C LYS A 431 17.50 -33.38 -12.86
N MET A 432 17.41 -32.78 -14.05
CA MET A 432 16.71 -31.51 -14.23
C MET A 432 15.23 -31.80 -14.41
N LEU A 433 14.37 -30.98 -13.81
CA LEU A 433 12.93 -31.23 -13.81
C LEU A 433 12.12 -30.19 -14.60
N ARG A 434 12.78 -29.13 -15.08
CA ARG A 434 12.11 -28.08 -15.87
C ARG A 434 12.94 -27.72 -17.10
N GLY A 447 19.30 -38.47 -15.61
CA GLY A 447 19.97 -38.59 -14.32
C GLY A 447 21.49 -38.69 -14.43
N PHE A 448 22.09 -37.72 -15.11
CA PHE A 448 23.54 -37.68 -15.32
C PHE A 448 24.31 -37.56 -14.00
N ALA A 449 25.44 -38.25 -13.91
CA ALA A 449 26.28 -38.22 -12.70
C ALA A 449 27.21 -37.00 -12.71
N VAL A 450 27.46 -36.43 -11.53
CA VAL A 450 28.25 -35.20 -11.43
C VAL A 450 29.17 -35.24 -10.21
N PRO A 451 30.40 -34.67 -10.35
CA PRO A 451 31.25 -34.51 -9.17
C PRO A 451 30.63 -33.55 -8.15
N LEU A 452 30.96 -33.72 -6.87
CA LEU A 452 30.47 -32.83 -5.82
C LEU A 452 30.83 -31.38 -6.09
N ASP A 453 32.07 -31.14 -6.51
CA ASP A 453 32.54 -29.77 -6.78
C ASP A 453 31.77 -29.08 -7.92
N ARG A 454 31.31 -29.85 -8.90
CA ARG A 454 30.63 -29.29 -10.08
C ARG A 454 29.12 -29.06 -9.91
N LEU A 455 28.57 -29.41 -8.76
CA LEU A 455 27.14 -29.21 -8.48
C LEU A 455 26.75 -27.73 -8.48
N VAL A 456 27.53 -26.93 -7.77
CA VAL A 456 27.21 -25.52 -7.56
C VAL A 456 27.72 -24.63 -8.68
N HIS B . -4.04 7.94 5.85
CA HIS B . -4.75 8.13 4.54
C HIS B . -5.82 7.07 4.40
O HIS B . -6.60 7.07 3.44
CB HIS B . -3.74 8.07 3.39
CG HIS B . -2.57 8.98 3.57
ND1 HIS B . -2.69 10.34 3.47
CD2 HIS B . -1.28 8.72 3.88
CE1 HIS B . -1.51 10.90 3.71
NE2 HIS B . -0.64 9.93 3.95
OXT HIS B . -5.91 6.18 5.24
C1 4HS C . -9.34 -1.14 8.22
C2 4HS C . -9.38 1.26 7.87
C3 4HS C . -10.07 1.02 6.64
C4 4HS C . -10.36 -0.24 6.24
O 4HS C . -9.11 2.38 8.34
N 4HS C . -9.04 0.14 8.59
C 4HS C . -9.99 -1.32 7.07
BR 4HS C . -10.48 -3.07 6.57
S SO4 D . 7.29 -7.13 5.10
O1 SO4 D . 6.27 -8.05 5.66
O2 SO4 D . 6.65 -6.12 4.23
O3 SO4 D . 8.26 -7.91 4.28
O4 SO4 D . 8.00 -6.46 6.21
S SO4 E . -8.75 -2.06 0.79
O1 SO4 E . -10.12 -2.54 0.51
O2 SO4 E . -8.05 -1.74 -0.48
O3 SO4 E . -8.00 -3.11 1.51
O4 SO4 E . -8.81 -0.85 1.64
S SO4 F . 0.99 3.00 -20.23
O1 SO4 F . -0.12 2.29 -19.59
O2 SO4 F . 0.46 4.12 -21.02
O3 SO4 F . 1.72 2.04 -21.10
O4 SO4 F . 1.92 3.58 -19.21
S DMS G . -5.24 15.16 17.10
O DMS G . -5.45 15.44 15.66
C1 DMS G . -5.44 16.57 18.03
C2 DMS G . -6.55 14.22 17.64
S DMS H . 7.68 -0.66 -14.58
O DMS H . 6.75 -1.81 -14.63
C1 DMS H . 6.92 0.73 -13.94
C2 DMS H . 8.89 -0.95 -13.40
C1 EDO I . -1.83 0.27 30.82
O1 EDO I . -2.17 -1.11 30.88
C2 EDO I . -0.76 0.57 31.87
O2 EDO I . 0.48 0.88 31.22
#